data_6WPP
#
_entry.id   6WPP
#
_cell.length_a   60.483
_cell.length_b   81.521
_cell.length_c   78.420
_cell.angle_alpha   90.000
_cell.angle_beta   111.430
_cell.angle_gamma   90.000
#
_symmetry.space_group_name_H-M   'P 1 21 1'
#
loop_
_entity.id
_entity.type
_entity.pdbx_description
1 polymer 'Mitogen-activated protein kinase kinase kinase 14'
2 non-polymer 5-fluoro-N-methyl-2-(7H-pyrrolo[2,3-d]pyrimidin-5-yl)pyrimidin-4-amine
3 water water
#
_entity_poly.entity_id   1
_entity_poly.type   'polypeptide(L)'
_entity_poly.pdbx_seq_one_letter_code
;GPMGSVSSGQAHSLTSLAKTWAARGSRSREPSPKTEDNEGVLLTEKLKPVDAEYREEVHWATHQLRLGRGSFGEVHRMED
KQTGFQCAVKKVSLEVFRAEELMACAGLTSPRIVPLYGAVREGPAVNIFMELLEGGSLGQLVKEQGCLPEDRALYYLGQA
LEGLEYLHSRRILHGDVKADNVLLSSDGSHAALCDFGHAVCLQPDGLGKSLLTGDYIPGTETHMAPEVVLGRSCDAKVDV
WSSCCMMLHMLNGCHPWTQFFRGPLCLKIASEPPPVREIPPSCAPLTAQAIQEGLRKEPIHRVSAAELGGKVNRALQQVG
GLKSPWRGEYKEPRHPPPNQANYHQTL
;
_entity_poly.pdbx_strand_id   A,B
#
# COMPACT_ATOMS: atom_id res chain seq x y z
N SER A 5 8.38 19.38 15.71
CA SER A 5 6.96 19.74 15.97
C SER A 5 5.98 18.70 15.40
N VAL A 6 4.71 18.84 15.80
CA VAL A 6 3.63 17.91 15.44
C VAL A 6 2.71 18.55 14.40
N SER A 7 2.75 18.04 13.17
CA SER A 7 1.96 18.59 12.05
C SER A 7 0.93 17.59 11.52
N SER A 8 -0.02 18.10 10.75
CA SER A 8 -0.95 17.26 9.97
C SER A 8 -0.28 16.92 8.65
N GLY A 9 -0.54 15.71 8.14
CA GLY A 9 0.05 15.30 6.87
C GLY A 9 -0.35 13.93 6.37
N GLN A 10 0.62 13.22 5.79
CA GLN A 10 0.39 11.95 5.09
C GLN A 10 1.41 10.90 5.47
N ALA A 11 1.08 9.64 5.19
CA ALA A 11 1.72 8.46 5.80
C ALA A 11 3.25 8.38 5.67
N HIS A 12 3.81 8.83 4.55
CA HIS A 12 5.26 8.69 4.30
C HIS A 12 6.11 9.53 5.24
N SER A 13 5.59 10.72 5.59
CA SER A 13 6.23 11.59 6.58
C SER A 13 6.33 10.93 7.95
N LEU A 14 5.27 10.20 8.34
CA LEU A 14 5.23 9.48 9.61
C LEU A 14 6.18 8.28 9.66
N THR A 15 6.24 7.54 8.55
CA THR A 15 7.05 6.30 8.48
C THR A 15 8.55 6.57 8.52
N SER A 16 9.01 7.55 7.74
CA SER A 16 10.41 7.99 7.76
C SER A 16 10.80 8.60 9.11
N LEU A 17 9.87 9.32 9.74
CA LEU A 17 10.03 9.80 11.11
C LEU A 17 10.02 8.66 12.13
N ALA A 18 9.28 7.59 11.83
CA ALA A 18 9.29 6.36 12.63
C ALA A 18 10.63 5.63 12.60
N LYS A 19 11.33 5.68 11.46
CA LYS A 19 12.68 5.11 11.34
C LYS A 19 13.70 5.79 12.26
N THR A 20 13.59 7.11 12.41
CA THR A 20 14.48 7.87 13.31
C THR A 20 14.19 7.56 14.79
N TRP A 21 12.93 7.26 15.12
CA TRP A 21 12.55 6.88 16.49
C TRP A 21 13.04 5.51 16.84
N ALA A 22 12.85 4.55 15.92
CA ALA A 22 13.30 3.16 16.12
C ALA A 22 14.83 3.00 16.09
N ALA A 23 15.53 3.94 15.44
CA ALA A 23 17.00 3.95 15.37
C ALA A 23 17.69 4.23 16.72
N ARG A 24 17.06 5.06 17.56
CA ARG A 24 17.61 5.40 18.87
C ARG A 24 17.55 4.22 19.84
N ASP A 37 11.47 17.11 20.98
CA ASP A 37 10.84 16.75 22.25
C ASP A 37 9.43 16.23 21.99
N ASN A 38 8.61 17.05 21.32
CA ASN A 38 7.25 16.70 20.94
C ASN A 38 7.10 16.81 19.43
N GLU A 39 7.07 15.65 18.75
CA GLU A 39 7.00 15.59 17.29
C GLU A 39 6.15 14.41 16.82
N GLY A 40 5.63 14.52 15.60
CA GLY A 40 4.85 13.46 14.98
C GLY A 40 3.99 13.93 13.82
N VAL A 41 3.13 13.03 13.35
CA VAL A 41 2.21 13.32 12.25
C VAL A 41 0.82 12.77 12.58
N LEU A 42 -0.20 13.63 12.47
CA LEU A 42 -1.59 13.22 12.63
C LEU A 42 -2.21 13.07 11.25
N LEU A 43 -2.71 11.86 10.95
CA LEU A 43 -3.18 11.51 9.61
C LEU A 43 -4.70 11.69 9.41
N THR A 44 -5.36 12.39 10.33
CA THR A 44 -6.82 12.53 10.30
C THR A 44 -7.27 13.85 10.94
N GLU A 45 -8.37 14.40 10.41
CA GLU A 45 -8.95 15.66 10.90
C GLU A 45 -9.41 15.61 12.36
N LYS A 46 -9.78 14.43 12.84
CA LYS A 46 -10.28 14.23 14.21
C LYS A 46 -9.28 14.69 15.29
N LEU A 47 -8.01 14.31 15.11
CA LEU A 47 -6.93 14.72 16.01
C LEU A 47 -6.23 15.95 15.40
N LYS A 48 -6.23 17.06 16.14
CA LYS A 48 -5.67 18.34 15.67
C LYS A 48 -4.63 18.88 16.64
N PRO A 49 -3.42 19.22 16.14
CA PRO A 49 -2.44 19.85 17.00
C PRO A 49 -2.76 21.32 17.25
N VAL A 50 -2.23 21.87 18.34
CA VAL A 50 -2.38 23.28 18.68
C VAL A 50 -0.98 23.89 18.78
N ASP A 51 -0.70 24.88 17.92
CA ASP A 51 0.62 25.51 17.81
C ASP A 51 1.72 24.49 17.48
N ALA A 52 1.38 23.56 16.59
CA ALA A 52 2.26 22.45 16.19
C ALA A 52 2.69 21.52 17.35
N GLU A 53 1.84 21.41 18.38
CA GLU A 53 2.09 20.53 19.53
C GLU A 53 0.91 19.59 19.75
N TYR A 54 1.16 18.48 20.43
CA TYR A 54 0.12 17.52 20.80
C TYR A 54 0.59 16.68 21.99
N ARG A 55 0.12 17.04 23.19
CA ARG A 55 0.66 16.53 24.46
C ARG A 55 -0.43 15.88 25.29
N GLU A 56 -0.04 14.86 26.05
CA GLU A 56 -0.97 14.11 26.89
C GLU A 56 -1.47 14.97 28.07
N GLU A 57 -2.78 14.89 28.33
CA GLU A 57 -3.48 15.69 29.35
C GLU A 57 -3.47 17.22 29.13
N VAL A 58 -3.13 17.66 27.92
CA VAL A 58 -3.07 19.10 27.59
C VAL A 58 -3.91 19.40 26.35
N HIS A 59 -3.61 18.71 25.25
CA HIS A 59 -4.40 18.76 24.01
C HIS A 59 -5.32 17.58 23.83
N TRP A 60 -5.03 16.46 24.50
CA TRP A 60 -5.91 15.29 24.53
C TRP A 60 -5.82 14.57 25.84
N ALA A 61 -6.89 13.85 26.20
CA ALA A 61 -7.03 13.24 27.52
C ALA A 61 -7.39 11.76 27.43
N THR A 62 -6.75 10.96 28.29
CA THR A 62 -6.97 9.53 28.39
C THR A 62 -8.18 9.23 29.28
N HIS A 63 -8.91 8.17 28.96
CA HIS A 63 -9.97 7.65 29.84
C HIS A 63 -9.38 6.73 30.86
N GLN A 64 -10.01 6.67 32.04
CA GLN A 64 -9.55 5.82 33.13
C GLN A 64 -9.72 4.33 32.83
N LEU A 65 -10.86 3.96 32.26
CA LEU A 65 -11.16 2.56 31.94
C LEU A 65 -10.37 2.09 30.71
N ARG A 66 -9.44 1.17 30.94
CA ARG A 66 -8.52 0.69 29.91
C ARG A 66 -9.24 -0.15 28.84
N LEU A 67 -8.79 -0.04 27.58
CA LEU A 67 -9.31 -0.87 26.49
C LEU A 67 -8.71 -2.28 26.51
N GLY A 68 -7.39 -2.35 26.67
CA GLY A 68 -6.70 -3.64 26.82
C GLY A 68 -5.19 -3.52 26.87
N ARG A 69 -4.51 -4.66 26.74
CA ARG A 69 -3.05 -4.72 26.71
C ARG A 69 -2.56 -5.17 25.34
N GLY A 70 -1.69 -4.38 24.72
CA GLY A 70 -1.00 -4.75 23.48
C GLY A 70 0.29 -5.48 23.77
N SER A 71 1.10 -5.68 22.72
CA SER A 71 2.36 -6.41 22.83
C SER A 71 3.43 -5.62 23.60
N PHE A 72 3.60 -4.34 23.23
CA PHE A 72 4.60 -3.45 23.83
C PHE A 72 4.00 -2.27 24.60
N GLY A 73 2.74 -2.39 25.05
CA GLY A 73 2.09 -1.31 25.81
C GLY A 73 0.59 -1.46 26.01
N GLU A 74 0.08 -0.79 27.04
CA GLU A 74 -1.36 -0.77 27.33
C GLU A 74 -2.10 0.15 26.36
N VAL A 75 -3.35 -0.20 26.06
CA VAL A 75 -4.18 0.55 25.11
C VAL A 75 -5.31 1.27 25.86
N HIS A 76 -5.47 2.56 25.56
CA HIS A 76 -6.47 3.41 26.23
C HIS A 76 -7.37 4.11 25.25
N ARG A 77 -8.61 4.33 25.67
CA ARG A 77 -9.52 5.24 24.98
C ARG A 77 -9.05 6.66 25.30
N MET A 78 -8.86 7.47 24.26
CA MET A 78 -8.45 8.86 24.42
C MET A 78 -9.51 9.77 23.82
N GLU A 79 -9.32 11.08 23.98
CA GLU A 79 -10.28 12.06 23.50
C GLU A 79 -9.55 13.38 23.25
N ASP A 80 -9.66 13.91 22.03
CA ASP A 80 -9.08 15.21 21.68
C ASP A 80 -9.93 16.31 22.31
N LYS A 81 -9.28 17.23 23.02
CA LYS A 81 -9.97 18.29 23.77
C LYS A 81 -10.67 19.32 22.87
N GLN A 82 -10.05 19.66 21.73
CA GLN A 82 -10.63 20.62 20.79
C GLN A 82 -11.86 20.02 20.09
N THR A 83 -11.62 18.96 19.31
CA THR A 83 -12.66 18.38 18.43
C THR A 83 -13.68 17.50 19.17
N GLY A 84 -13.26 16.87 20.26
CA GLY A 84 -14.10 15.94 21.01
C GLY A 84 -14.13 14.51 20.49
N PHE A 85 -13.41 14.23 19.40
CA PHE A 85 -13.38 12.87 18.83
C PHE A 85 -12.56 11.93 19.71
N GLN A 86 -13.06 10.70 19.87
CA GLN A 86 -12.36 9.65 20.61
C GLN A 86 -11.61 8.73 19.65
N CYS A 87 -10.51 8.17 20.14
CA CYS A 87 -9.76 7.14 19.43
C CYS A 87 -9.02 6.22 20.43
N ALA A 88 -8.40 5.18 19.92
CA ALA A 88 -7.57 4.28 20.75
C ALA A 88 -6.14 4.81 20.73
N VAL A 89 -5.46 4.73 21.86
CA VAL A 89 -4.05 5.15 21.97
C VAL A 89 -3.20 4.07 22.67
N LYS A 90 -2.16 3.61 21.97
CA LYS A 90 -1.20 2.65 22.50
C LYS A 90 0.11 3.40 22.77
N LYS A 91 0.50 3.46 24.04
CA LYS A 91 1.74 4.10 24.44
C LYS A 91 2.86 3.07 24.40
N VAL A 92 3.85 3.27 23.52
CA VAL A 92 4.99 2.38 23.38
C VAL A 92 6.27 3.13 23.74
N SER A 93 7.09 2.53 24.59
CA SER A 93 8.40 3.09 24.96
C SER A 93 9.34 3.15 23.76
N LEU A 94 10.16 4.20 23.68
CA LEU A 94 11.19 4.33 22.62
C LEU A 94 12.23 3.20 22.66
N GLU A 95 12.51 2.68 23.85
CA GLU A 95 13.47 1.59 24.03
C GLU A 95 13.03 0.27 23.40
N VAL A 96 11.71 0.09 23.19
CA VAL A 96 11.17 -1.08 22.50
C VAL A 96 10.30 -0.72 21.28
N PHE A 97 10.39 0.53 20.80
CA PHE A 97 9.59 0.97 19.65
C PHE A 97 10.19 0.45 18.35
N ARG A 98 9.34 -0.11 17.51
CA ARG A 98 9.72 -0.62 16.19
C ARG A 98 8.96 0.17 15.12
N ALA A 99 9.67 0.64 14.10
CA ALA A 99 9.07 1.38 12.98
C ALA A 99 8.00 0.59 12.22
N GLU A 100 8.09 -0.74 12.26
CA GLU A 100 7.11 -1.63 11.61
C GLU A 100 5.69 -1.56 12.21
N GLU A 101 5.58 -1.10 13.46
CA GLU A 101 4.27 -0.80 14.09
C GLU A 101 3.43 0.13 13.23
N LEU A 102 4.05 1.22 12.77
CA LEU A 102 3.37 2.23 11.95
C LEU A 102 3.33 1.86 10.47
N MET A 103 4.45 1.35 9.95
CA MET A 103 4.56 0.94 8.53
C MET A 103 3.58 -0.18 8.14
N ALA A 104 3.22 -1.03 9.10
CA ALA A 104 2.23 -2.09 8.88
C ALA A 104 0.79 -1.58 8.68
N CYS A 105 0.49 -0.38 9.18
CA CYS A 105 -0.89 0.16 9.17
C CYS A 105 -1.07 1.62 8.74
N ALA A 106 0.01 2.32 8.36
CA ALA A 106 -0.09 3.73 7.96
C ALA A 106 -0.63 3.84 6.53
N GLY A 107 -1.77 4.53 6.38
CA GLY A 107 -2.34 4.84 5.07
C GLY A 107 -2.77 3.66 4.23
N LEU A 108 -3.23 2.59 4.88
CA LEU A 108 -3.64 1.38 4.17
C LEU A 108 -5.03 1.52 3.55
N THR A 109 -5.18 0.94 2.37
CA THR A 109 -6.43 0.93 1.61
C THR A 109 -7.47 -0.07 2.14
N SER A 110 -7.02 -1.12 2.83
CA SER A 110 -7.92 -2.19 3.26
C SER A 110 -8.76 -1.79 4.47
N PRO A 111 -10.08 -2.11 4.45
CA PRO A 111 -10.90 -1.93 5.64
C PRO A 111 -10.75 -3.04 6.69
N ARG A 112 -10.03 -4.13 6.38
CA ARG A 112 -9.82 -5.23 7.33
C ARG A 112 -8.56 -5.07 8.20
N ILE A 113 -8.01 -3.85 8.26
CA ILE A 113 -6.89 -3.51 9.13
C ILE A 113 -7.30 -2.24 9.88
N VAL A 114 -7.04 -2.19 11.19
CA VAL A 114 -7.42 -1.03 12.00
C VAL A 114 -6.60 0.18 11.52
N PRO A 115 -7.27 1.26 11.07
CA PRO A 115 -6.55 2.38 10.47
C PRO A 115 -5.77 3.22 11.49
N LEU A 116 -4.60 3.69 11.07
CA LEU A 116 -3.75 4.56 11.86
C LEU A 116 -4.26 6.00 11.74
N TYR A 117 -4.58 6.62 12.87
CA TYR A 117 -5.01 8.03 12.93
C TYR A 117 -3.81 8.96 13.09
N GLY A 118 -2.75 8.47 13.72
CA GLY A 118 -1.50 9.21 13.82
C GLY A 118 -0.52 8.58 14.78
N ALA A 119 0.67 9.15 14.85
CA ALA A 119 1.68 8.76 15.85
C ALA A 119 2.45 10.00 16.29
N VAL A 120 2.57 10.18 17.60
CA VAL A 120 3.24 11.34 18.17
C VAL A 120 4.19 10.90 19.31
N ARG A 121 5.44 11.33 19.21
CA ARG A 121 6.43 11.11 20.27
C ARG A 121 6.33 12.26 21.28
N GLU A 122 6.39 11.92 22.56
CA GLU A 122 6.45 12.90 23.64
C GLU A 122 7.48 12.43 24.66
N GLY A 123 8.72 12.87 24.48
CA GLY A 123 9.83 12.47 25.33
C GLY A 123 10.22 11.01 25.10
N PRO A 124 10.19 10.17 26.15
CA PRO A 124 10.65 8.79 26.02
C PRO A 124 9.64 7.80 25.40
N ALA A 125 8.39 8.22 25.22
CA ALA A 125 7.32 7.35 24.73
C ALA A 125 6.78 7.81 23.38
N VAL A 126 6.25 6.86 22.62
CA VAL A 126 5.55 7.13 21.36
C VAL A 126 4.09 6.76 21.57
N ASN A 127 3.19 7.71 21.26
CA ASN A 127 1.75 7.51 21.38
C ASN A 127 1.16 7.23 20.01
N ILE A 128 0.72 5.98 19.80
CA ILE A 128 0.16 5.54 18.54
C ILE A 128 -1.35 5.69 18.62
N PHE A 129 -1.92 6.52 17.75
CA PHE A 129 -3.37 6.80 17.73
C PHE A 129 -4.06 6.01 16.61
N MET A 130 -5.10 5.25 16.99
CA MET A 130 -5.79 4.31 16.10
C MET A 130 -7.30 4.40 16.27
N GLU A 131 -8.02 3.99 15.22
CA GLU A 131 -9.49 4.02 15.23
C GLU A 131 -10.07 3.05 16.24
N LEU A 132 -11.14 3.46 16.90
CA LEU A 132 -11.86 2.60 17.87
C LEU A 132 -12.78 1.63 17.16
N LEU A 133 -12.73 0.36 17.58
CA LEU A 133 -13.72 -0.64 17.21
C LEU A 133 -14.40 -1.06 18.52
N GLU A 134 -15.71 -0.85 18.59
CA GLU A 134 -16.44 -0.95 19.86
C GLU A 134 -16.93 -2.35 20.21
N GLY A 135 -16.78 -3.32 19.31
CA GLY A 135 -17.27 -4.68 19.55
C GLY A 135 -16.40 -5.61 20.38
N GLY A 136 -15.21 -5.14 20.78
CA GLY A 136 -14.25 -5.99 21.50
C GLY A 136 -13.46 -6.87 20.54
N SER A 137 -12.55 -7.67 21.09
CA SER A 137 -11.73 -8.58 20.28
C SER A 137 -12.47 -9.89 19.98
N LEU A 138 -11.97 -10.61 18.98
CA LEU A 138 -12.46 -11.95 18.67
C LEU A 138 -12.14 -12.95 19.79
N GLY A 139 -11.03 -12.71 20.50
CA GLY A 139 -10.64 -13.54 21.64
C GLY A 139 -11.60 -13.45 22.81
N GLN A 140 -12.04 -12.23 23.10
N GLN A 140 -12.05 -12.24 23.12
CA GLN A 140 -13.05 -11.96 24.13
CA GLN A 140 -13.06 -12.01 24.16
C GLN A 140 -14.41 -12.58 23.78
C GLN A 140 -14.43 -12.59 23.78
N LEU A 141 -14.77 -12.54 22.50
CA LEU A 141 -16.00 -13.18 21.99
C LEU A 141 -15.96 -14.70 22.17
N VAL A 142 -14.82 -15.31 21.87
CA VAL A 142 -14.62 -16.75 22.05
C VAL A 142 -14.66 -17.15 23.53
N LYS A 143 -14.08 -16.32 24.40
CA LYS A 143 -14.12 -16.55 25.85
C LYS A 143 -15.55 -16.48 26.39
N GLU A 144 -16.32 -15.50 25.93
CA GLU A 144 -17.70 -15.28 26.38
C GLU A 144 -18.66 -16.33 25.81
N GLN A 145 -18.59 -16.56 24.50
CA GLN A 145 -19.45 -17.56 23.84
C GLN A 145 -19.03 -19.01 24.08
N GLY A 146 -17.81 -19.22 24.60
CA GLY A 146 -17.27 -20.57 24.80
C GLY A 146 -16.58 -21.02 23.52
N CYS A 147 -17.36 -21.17 22.46
CA CYS A 147 -16.82 -21.27 21.10
C CYS A 147 -17.85 -20.79 20.07
N LEU A 148 -17.38 -20.47 18.87
CA LEU A 148 -18.23 -19.91 17.82
C LEU A 148 -18.75 -21.01 16.90
N PRO A 149 -19.99 -20.88 16.40
CA PRO A 149 -20.46 -21.86 15.41
C PRO A 149 -19.71 -21.73 14.08
N GLU A 150 -19.65 -22.82 13.33
CA GLU A 150 -18.81 -22.94 12.12
C GLU A 150 -18.93 -21.77 11.14
N ASP A 151 -20.17 -21.34 10.88
CA ASP A 151 -20.42 -20.23 9.95
C ASP A 151 -19.86 -18.89 10.44
N ARG A 152 -19.91 -18.68 11.75
CA ARG A 152 -19.35 -17.49 12.39
C ARG A 152 -17.81 -17.51 12.34
N ALA A 153 -17.24 -18.68 12.64
CA ALA A 153 -15.79 -18.89 12.55
C ALA A 153 -15.25 -18.63 11.15
N LEU A 154 -15.88 -19.26 10.14
CA LEU A 154 -15.49 -19.07 8.75
C LEU A 154 -15.57 -17.61 8.31
N TYR A 155 -16.66 -16.95 8.70
CA TYR A 155 -16.89 -15.54 8.42
C TYR A 155 -15.76 -14.63 8.91
N TYR A 156 -15.33 -14.82 10.15
CA TYR A 156 -14.22 -14.01 10.70
C TYR A 156 -12.84 -14.39 10.16
N LEU A 157 -12.61 -15.68 9.93
CA LEU A 157 -11.38 -16.15 9.28
C LEU A 157 -11.28 -15.60 7.86
N GLY A 158 -12.41 -15.50 7.17
CA GLY A 158 -12.47 -14.90 5.84
C GLY A 158 -12.06 -13.46 5.82
N GLN A 159 -12.56 -12.67 6.77
CA GLN A 159 -12.20 -11.25 6.87
C GLN A 159 -10.76 -11.02 7.36
N ALA A 160 -10.29 -11.88 8.27
CA ALA A 160 -8.88 -11.86 8.68
C ALA A 160 -7.93 -12.12 7.50
N LEU A 161 -8.27 -13.10 6.65
CA LEU A 161 -7.45 -13.44 5.49
C LEU A 161 -7.46 -12.37 4.38
N GLU A 162 -8.58 -11.65 4.23
CA GLU A 162 -8.64 -10.46 3.37
C GLU A 162 -7.63 -9.40 3.83
N GLY A 163 -7.53 -9.22 5.14
CA GLY A 163 -6.54 -8.31 5.73
C GLY A 163 -5.12 -8.77 5.52
N LEU A 164 -4.86 -10.05 5.79
CA LEU A 164 -3.55 -10.65 5.59
C LEU A 164 -3.13 -10.61 4.11
N GLU A 165 -4.03 -11.04 3.23
CA GLU A 165 -3.81 -10.96 1.76
C GLU A 165 -3.31 -9.58 1.36
N TYR A 166 -3.98 -8.54 1.86
CA TYR A 166 -3.59 -7.17 1.59
C TYR A 166 -2.22 -6.82 2.20
N LEU A 167 -1.97 -7.24 3.44
CA LEU A 167 -0.68 -7.01 4.09
C LEU A 167 0.47 -7.70 3.35
N HIS A 168 0.26 -8.97 2.99
CA HIS A 168 1.29 -9.75 2.29
C HIS A 168 1.62 -9.14 0.95
N SER A 169 0.59 -8.70 0.23
CA SER A 169 0.76 -7.95 -1.02
C SER A 169 1.55 -6.64 -0.88
N ARG A 170 1.55 -6.06 0.33
CA ARG A 170 2.37 -4.88 0.63
C ARG A 170 3.67 -5.19 1.40
N ARG A 171 4.19 -6.41 1.24
CA ARG A 171 5.43 -6.87 1.89
C ARG A 171 5.42 -6.73 3.42
N ILE A 172 4.27 -6.95 4.03
CA ILE A 172 4.13 -6.87 5.49
C ILE A 172 3.60 -8.20 6.02
N LEU A 173 4.27 -8.72 7.03
CA LEU A 173 3.88 -9.95 7.74
C LEU A 173 3.41 -9.52 9.13
N HIS A 174 2.22 -9.94 9.53
CA HIS A 174 1.66 -9.55 10.84
C HIS A 174 2.48 -10.11 11.97
N GLY A 175 2.72 -11.42 11.96
CA GLY A 175 3.65 -12.06 12.89
C GLY A 175 3.08 -12.50 14.23
N ASP A 176 1.79 -12.24 14.46
CA ASP A 176 1.10 -12.68 15.68
C ASP A 176 -0.41 -12.68 15.44
N VAL A 177 -0.84 -13.38 14.39
CA VAL A 177 -2.25 -13.49 14.03
C VAL A 177 -2.97 -14.39 15.05
N LYS A 178 -3.93 -13.81 15.76
CA LYS A 178 -4.74 -14.54 16.72
C LYS A 178 -6.04 -13.80 17.03
N ALA A 179 -6.94 -14.45 17.76
CA ALA A 179 -8.26 -13.87 18.08
C ALA A 179 -8.13 -12.55 18.84
N ASP A 180 -7.20 -12.48 19.78
CA ASP A 180 -6.92 -11.24 20.53
C ASP A 180 -6.48 -10.06 19.65
N ASN A 181 -5.89 -10.35 18.49
CA ASN A 181 -5.47 -9.32 17.54
C ASN A 181 -6.44 -9.13 16.35
N VAL A 182 -7.71 -9.49 16.56
CA VAL A 182 -8.78 -9.22 15.62
C VAL A 182 -9.92 -8.54 16.36
N LEU A 183 -10.13 -7.24 16.08
CA LEU A 183 -11.20 -6.46 16.70
C LEU A 183 -12.47 -6.57 15.87
N LEU A 184 -13.61 -6.46 16.53
CA LEU A 184 -14.93 -6.55 15.90
C LEU A 184 -15.68 -5.22 16.07
N SER A 185 -16.61 -4.96 15.15
CA SER A 185 -17.54 -3.85 15.28
C SER A 185 -18.66 -4.20 16.26
N SER A 186 -19.44 -3.19 16.65
CA SER A 186 -20.56 -3.34 17.60
C SER A 186 -21.55 -4.45 17.27
N ASP A 187 -21.89 -4.57 15.98
CA ASP A 187 -22.86 -5.59 15.52
C ASP A 187 -22.22 -6.92 15.09
N GLY A 188 -20.89 -7.04 15.21
CA GLY A 188 -20.18 -8.25 14.79
C GLY A 188 -19.98 -8.47 13.30
N SER A 189 -20.45 -7.53 12.47
CA SER A 189 -20.43 -7.71 11.01
C SER A 189 -19.04 -7.46 10.39
N HIS A 190 -18.33 -6.46 10.91
N HIS A 190 -18.32 -6.47 10.92
CA HIS A 190 -17.00 -6.09 10.41
CA HIS A 190 -17.02 -6.08 10.40
C HIS A 190 -15.95 -6.51 11.39
C HIS A 190 -15.92 -6.46 11.38
N ALA A 191 -14.88 -7.12 10.87
CA ALA A 191 -13.72 -7.53 11.67
C ALA A 191 -12.45 -6.93 11.06
N ALA A 192 -11.46 -6.61 11.91
CA ALA A 192 -10.21 -6.02 11.45
C ALA A 192 -9.01 -6.40 12.32
N LEU A 193 -7.85 -6.51 11.68
CA LEU A 193 -6.60 -6.88 12.37
C LEU A 193 -6.03 -5.68 13.12
N CYS A 194 -5.56 -5.91 14.34
CA CYS A 194 -4.87 -4.88 15.14
C CYS A 194 -3.52 -5.41 15.64
N ASP A 195 -2.79 -4.54 16.36
CA ASP A 195 -1.56 -4.89 17.07
C ASP A 195 -0.46 -5.32 16.11
N PHE A 196 0.30 -4.35 15.61
CA PHE A 196 1.37 -4.59 14.63
C PHE A 196 2.78 -4.55 15.25
N GLY A 197 2.87 -4.88 16.54
CA GLY A 197 4.13 -4.89 17.26
C GLY A 197 5.09 -5.99 16.85
N HIS A 198 4.54 -7.09 16.32
CA HIS A 198 5.36 -8.20 15.79
C HIS A 198 5.54 -8.12 14.29
N ALA A 199 5.23 -6.97 13.68
CA ALA A 199 5.21 -6.85 12.23
C ALA A 199 6.61 -6.87 11.65
N VAL A 200 6.78 -7.59 10.54
CA VAL A 200 8.07 -7.75 9.87
C VAL A 200 7.92 -7.45 8.38
N CYS A 201 8.95 -6.86 7.79
CA CYS A 201 8.98 -6.57 6.35
C CYS A 201 9.51 -7.76 5.57
N LEU A 202 8.99 -7.95 4.35
CA LEU A 202 9.35 -9.08 3.48
C LEU A 202 10.15 -8.59 2.27
N GLN A 203 11.24 -9.29 1.95
CA GLN A 203 12.07 -8.98 0.77
C GLN A 203 11.82 -10.04 -0.33
N PRO A 204 12.00 -9.66 -1.61
CA PRO A 204 11.67 -10.57 -2.71
C PRO A 204 12.68 -11.72 -2.89
N LEU A 212 11.00 -13.35 1.58
CA LEU A 212 11.50 -13.89 2.83
C LEU A 212 11.63 -12.81 3.91
N THR A 213 11.68 -13.26 5.16
CA THR A 213 11.63 -12.36 6.33
C THR A 213 12.98 -11.73 6.67
N GLY A 214 12.99 -10.88 7.70
CA GLY A 214 14.20 -10.30 8.28
C GLY A 214 14.30 -10.63 9.76
N ASP A 215 14.46 -9.60 10.60
CA ASP A 215 14.49 -9.77 12.06
C ASP A 215 13.08 -10.03 12.60
N TYR A 216 12.98 -10.95 13.57
CA TYR A 216 11.68 -11.47 14.05
C TYR A 216 11.52 -11.35 15.58
N ILE A 217 10.31 -10.98 16.00
CA ILE A 217 9.90 -10.96 17.41
C ILE A 217 8.84 -12.05 17.58
N PRO A 218 8.99 -12.93 18.60
CA PRO A 218 8.13 -14.12 18.67
C PRO A 218 6.69 -13.84 19.11
N GLY A 219 5.73 -14.39 18.36
CA GLY A 219 4.31 -14.29 18.70
C GLY A 219 3.86 -15.33 19.71
N THR A 220 2.57 -15.68 19.66
CA THR A 220 1.99 -16.66 20.59
C THR A 220 2.44 -18.07 20.21
N GLU A 221 3.00 -18.79 21.19
CA GLU A 221 3.65 -20.09 20.96
C GLU A 221 2.73 -21.12 20.32
N THR A 222 1.49 -21.21 20.80
CA THR A 222 0.49 -22.12 20.24
C THR A 222 0.13 -21.86 18.78
N HIS A 223 0.35 -20.63 18.30
CA HIS A 223 0.08 -20.25 16.92
C HIS A 223 1.30 -20.22 16.02
N MET A 224 2.47 -20.63 16.52
CA MET A 224 3.73 -20.57 15.76
C MET A 224 3.84 -21.68 14.70
N ALA A 225 4.21 -21.29 13.48
CA ALA A 225 4.45 -22.25 12.39
C ALA A 225 5.76 -23.04 12.64
N PRO A 226 5.84 -24.30 12.14
CA PRO A 226 7.07 -25.10 12.30
C PRO A 226 8.36 -24.42 11.82
N GLU A 227 8.28 -23.66 10.73
CA GLU A 227 9.45 -22.95 10.20
C GLU A 227 10.06 -21.95 11.17
N VAL A 228 9.24 -21.28 11.97
CA VAL A 228 9.75 -20.32 12.97
C VAL A 228 10.44 -21.05 14.13
N VAL A 229 9.88 -22.18 14.59
CA VAL A 229 10.48 -22.96 15.69
C VAL A 229 11.77 -23.68 15.28
N LEU A 230 11.81 -24.17 14.03
CA LEU A 230 13.02 -24.79 13.48
C LEU A 230 14.14 -23.78 13.16
N GLY A 231 13.86 -22.48 13.26
CA GLY A 231 14.84 -21.43 12.97
C GLY A 231 15.13 -21.25 11.49
N ARG A 232 14.25 -21.79 10.63
CA ARG A 232 14.40 -21.69 9.18
C ARG A 232 13.92 -20.32 8.70
N SER A 233 14.12 -20.04 7.41
CA SER A 233 13.68 -18.78 6.80
C SER A 233 12.16 -18.74 6.70
N CYS A 234 11.57 -17.60 7.07
CA CYS A 234 10.12 -17.43 7.12
C CYS A 234 9.63 -16.45 6.07
N ASP A 235 8.34 -16.57 5.71
CA ASP A 235 7.69 -15.69 4.75
C ASP A 235 6.21 -15.49 5.12
N ALA A 236 5.41 -14.94 4.21
CA ALA A 236 3.98 -14.67 4.46
C ALA A 236 3.17 -15.86 4.96
N LYS A 237 3.58 -17.06 4.58
CA LYS A 237 2.89 -18.31 4.95
C LYS A 237 2.84 -18.58 6.47
N VAL A 238 3.66 -17.90 7.28
CA VAL A 238 3.57 -18.01 8.75
C VAL A 238 2.22 -17.51 9.28
N ASP A 239 1.74 -16.38 8.74
CA ASP A 239 0.43 -15.82 9.13
C ASP A 239 -0.73 -16.73 8.76
N VAL A 240 -0.58 -17.49 7.67
CA VAL A 240 -1.58 -18.47 7.23
C VAL A 240 -1.72 -19.60 8.25
N TRP A 241 -0.59 -20.13 8.70
CA TRP A 241 -0.57 -21.17 9.74
C TRP A 241 -1.27 -20.68 10.99
N SER A 242 -0.89 -19.49 11.43
CA SER A 242 -1.48 -18.86 12.62
C SER A 242 -2.99 -18.63 12.48
N SER A 243 -3.43 -18.25 11.29
CA SER A 243 -4.86 -18.00 11.06
C SER A 243 -5.72 -19.27 11.21
N CYS A 244 -5.16 -20.43 10.85
CA CYS A 244 -5.86 -21.71 11.04
C CYS A 244 -5.79 -22.22 12.48
N CYS A 245 -4.73 -21.87 13.19
CA CYS A 245 -4.69 -22.07 14.65
C CYS A 245 -5.78 -21.23 15.33
N MET A 246 -5.98 -20.01 14.85
CA MET A 246 -7.07 -19.14 15.31
C MET A 246 -8.45 -19.70 14.94
N MET A 247 -8.54 -20.34 13.77
CA MET A 247 -9.76 -21.04 13.37
C MET A 247 -10.10 -22.20 14.32
N LEU A 248 -9.09 -23.00 14.69
CA LEU A 248 -9.28 -24.11 15.64
C LEU A 248 -9.67 -23.60 17.04
N HIS A 249 -9.07 -22.49 17.45
CA HIS A 249 -9.43 -21.81 18.68
C HIS A 249 -10.88 -21.36 18.69
N MET A 250 -11.31 -20.71 17.62
CA MET A 250 -12.72 -20.30 17.47
C MET A 250 -13.69 -21.48 17.55
N LEU A 251 -13.35 -22.59 16.88
CA LEU A 251 -14.23 -23.77 16.85
C LEU A 251 -14.24 -24.55 18.17
N ASN A 252 -13.08 -24.71 18.80
CA ASN A 252 -12.94 -25.57 19.99
C ASN A 252 -13.00 -24.86 21.34
N GLY A 253 -12.82 -23.53 21.34
CA GLY A 253 -12.78 -22.74 22.57
C GLY A 253 -11.43 -22.70 23.27
N CYS A 254 -10.45 -23.47 22.77
CA CYS A 254 -9.11 -23.53 23.32
C CYS A 254 -8.09 -23.48 22.20
N HIS A 255 -6.91 -22.93 22.48
CA HIS A 255 -5.79 -22.88 21.53
C HIS A 255 -5.40 -24.27 21.07
N PRO A 256 -4.78 -24.39 19.88
CA PRO A 256 -4.17 -25.66 19.48
C PRO A 256 -3.09 -26.15 20.46
N TRP A 257 -2.87 -27.47 20.49
CA TRP A 257 -1.82 -28.13 21.29
C TRP A 257 -2.12 -28.32 22.76
N THR A 258 -2.76 -27.33 23.38
CA THR A 258 -2.82 -27.23 24.84
C THR A 258 -3.63 -28.36 25.51
N GLN A 259 -4.64 -28.89 24.83
CA GLN A 259 -5.40 -30.05 25.33
C GLN A 259 -4.58 -31.33 25.40
N PHE A 260 -3.55 -31.45 24.56
CA PHE A 260 -2.73 -32.66 24.46
C PHE A 260 -1.37 -32.55 25.16
N PHE A 261 -0.71 -31.40 25.04
CA PHE A 261 0.64 -31.20 25.58
C PHE A 261 0.73 -29.98 26.51
N ARG A 262 1.68 -30.04 27.44
CA ARG A 262 2.05 -28.90 28.28
C ARG A 262 3.30 -28.23 27.73
N GLY A 263 3.47 -26.95 28.05
CA GLY A 263 4.57 -26.15 27.49
C GLY A 263 5.94 -26.55 28.02
N PRO A 264 7.02 -26.16 27.31
CA PRO A 264 7.06 -25.53 25.99
C PRO A 264 6.62 -26.46 24.85
N LEU A 265 6.11 -25.87 23.78
CA LEU A 265 5.51 -26.59 22.64
C LEU A 265 6.42 -26.65 21.40
N CYS A 266 7.52 -25.90 21.41
CA CYS A 266 8.39 -25.74 20.23
C CYS A 266 8.92 -27.05 19.63
N LEU A 267 9.32 -27.99 20.48
CA LEU A 267 9.77 -29.31 20.02
C LEU A 267 8.62 -30.18 19.50
N LYS A 268 7.44 -30.01 20.07
CA LYS A 268 6.24 -30.71 19.59
C LYS A 268 5.77 -30.13 18.26
N ILE A 269 5.69 -28.81 18.14
CA ILE A 269 5.31 -28.14 16.89
C ILE A 269 6.23 -28.55 15.73
N ALA A 270 7.52 -28.67 16.02
CA ALA A 270 8.52 -29.11 15.03
C ALA A 270 8.38 -30.57 14.62
N SER A 271 8.12 -31.45 15.59
CA SER A 271 8.17 -32.91 15.37
C SER A 271 6.82 -33.56 15.11
N GLU A 272 5.78 -33.12 15.83
CA GLU A 272 4.44 -33.71 15.72
C GLU A 272 3.81 -33.40 14.36
N PRO A 273 2.73 -34.13 14.00
CA PRO A 273 1.97 -33.71 12.82
C PRO A 273 1.22 -32.40 13.11
N PRO A 274 0.82 -31.68 12.05
CA PRO A 274 0.06 -30.45 12.28
C PRO A 274 -1.27 -30.79 12.96
N PRO A 275 -1.80 -29.88 13.81
CA PRO A 275 -2.93 -30.25 14.70
C PRO A 275 -4.29 -30.39 14.01
N VAL A 276 -4.34 -31.05 12.85
CA VAL A 276 -5.59 -31.30 12.13
C VAL A 276 -6.54 -32.23 12.89
N ARG A 277 -6.02 -33.04 13.81
CA ARG A 277 -6.84 -33.86 14.71
C ARG A 277 -7.78 -33.05 15.61
N GLU A 278 -7.51 -31.76 15.78
CA GLU A 278 -8.36 -30.86 16.55
C GLU A 278 -9.50 -30.25 15.74
N ILE A 279 -9.61 -30.60 14.46
CA ILE A 279 -10.74 -30.21 13.62
C ILE A 279 -11.98 -30.97 14.11
N PRO A 280 -13.05 -30.25 14.54
CA PRO A 280 -14.26 -30.96 14.99
C PRO A 280 -14.90 -31.80 13.87
N PRO A 281 -15.33 -33.03 14.19
CA PRO A 281 -15.94 -33.89 13.15
C PRO A 281 -17.27 -33.38 12.57
N SER A 282 -17.93 -32.47 13.28
CA SER A 282 -19.13 -31.77 12.77
C SER A 282 -18.88 -30.89 11.55
N CYS A 283 -17.64 -30.44 11.36
CA CYS A 283 -17.30 -29.50 10.29
C CYS A 283 -17.54 -30.07 8.89
N ALA A 284 -17.84 -29.18 7.95
CA ALA A 284 -18.13 -29.54 6.57
C ALA A 284 -16.83 -29.96 5.86
N PRO A 285 -16.95 -30.72 4.75
CA PRO A 285 -15.78 -31.14 3.98
C PRO A 285 -14.82 -30.00 3.62
N LEU A 286 -15.36 -28.91 3.08
CA LEU A 286 -14.54 -27.77 2.65
C LEU A 286 -13.84 -27.03 3.80
N THR A 287 -14.50 -26.98 4.97
CA THR A 287 -13.91 -26.42 6.18
C THR A 287 -12.72 -27.25 6.63
N ALA A 288 -12.93 -28.56 6.77
CA ALA A 288 -11.86 -29.51 7.12
C ALA A 288 -10.70 -29.46 6.13
N GLN A 289 -11.02 -29.46 4.84
CA GLN A 289 -10.00 -29.36 3.78
C GLN A 289 -9.23 -28.04 3.83
N ALA A 290 -9.94 -26.93 4.09
CA ALA A 290 -9.31 -25.60 4.19
C ALA A 290 -8.29 -25.52 5.33
N ILE A 291 -8.68 -26.01 6.50
CA ILE A 291 -7.80 -26.03 7.68
C ILE A 291 -6.54 -26.89 7.42
N GLN A 292 -6.70 -28.00 6.72
CA GLN A 292 -5.58 -28.89 6.36
C GLN A 292 -4.54 -28.20 5.49
N GLU A 293 -5.00 -27.51 4.43
CA GLU A 293 -4.09 -26.84 3.49
C GLU A 293 -3.38 -25.64 4.13
N GLY A 294 -4.06 -24.97 5.06
CA GLY A 294 -3.45 -23.91 5.84
C GLY A 294 -2.48 -24.39 6.91
N LEU A 295 -2.65 -25.63 7.36
CA LEU A 295 -1.74 -26.24 8.35
C LEU A 295 -0.80 -27.29 7.76
N ARG A 296 -0.29 -27.05 6.55
CA ARG A 296 0.78 -27.88 5.98
C ARG A 296 2.09 -27.48 6.66
N LYS A 297 2.88 -28.48 7.05
CA LYS A 297 4.14 -28.23 7.78
C LYS A 297 5.14 -27.50 6.90
N GLU A 298 5.34 -27.99 5.68
CA GLU A 298 6.25 -27.35 4.72
C GLU A 298 5.54 -26.11 4.15
N PRO A 299 6.12 -24.90 4.35
CA PRO A 299 5.45 -23.69 3.82
C PRO A 299 5.24 -23.64 2.30
N ILE A 300 6.08 -24.33 1.53
CA ILE A 300 5.94 -24.41 0.06
C ILE A 300 4.66 -25.17 -0.34
N HIS A 301 4.27 -26.17 0.44
CA HIS A 301 3.00 -26.89 0.23
C HIS A 301 1.78 -26.18 0.79
N ARG A 302 1.98 -25.17 1.62
CA ARG A 302 0.90 -24.48 2.31
C ARG A 302 0.36 -23.34 1.46
N VAL A 303 -0.97 -23.22 1.41
CA VAL A 303 -1.64 -22.16 0.66
C VAL A 303 -1.32 -20.76 1.21
N SER A 304 -1.37 -19.77 0.32
CA SER A 304 -1.21 -18.37 0.69
C SER A 304 -2.51 -17.84 1.31
N ALA A 305 -2.44 -16.63 1.84
CA ALA A 305 -3.63 -15.97 2.41
C ALA A 305 -4.74 -15.85 1.37
N ALA A 306 -4.41 -15.30 0.20
CA ALA A 306 -5.37 -15.14 -0.92
C ALA A 306 -6.03 -16.46 -1.33
N GLU A 307 -5.23 -17.52 -1.44
CA GLU A 307 -5.74 -18.86 -1.78
C GLU A 307 -6.62 -19.44 -0.67
N LEU A 308 -6.19 -19.33 0.58
CA LEU A 308 -6.98 -19.82 1.73
C LEU A 308 -8.29 -19.05 1.87
N GLY A 309 -8.24 -17.74 1.61
CA GLY A 309 -9.44 -16.89 1.61
C GLY A 309 -10.51 -17.36 0.63
N GLY A 310 -10.08 -17.78 -0.56
CA GLY A 310 -10.98 -18.36 -1.56
C GLY A 310 -11.68 -19.61 -1.06
N LYS A 311 -10.90 -20.53 -0.51
CA LYS A 311 -11.43 -21.78 0.07
C LYS A 311 -12.42 -21.53 1.20
N VAL A 312 -12.10 -20.54 2.05
CA VAL A 312 -12.95 -20.20 3.21
C VAL A 312 -14.29 -19.58 2.78
N ASN A 313 -14.26 -18.68 1.77
CA ASN A 313 -15.49 -18.13 1.20
C ASN A 313 -16.40 -19.20 0.61
N ARG A 314 -15.80 -20.11 -0.17
CA ARG A 314 -16.53 -21.24 -0.75
C ARG A 314 -17.08 -22.19 0.32
N ALA A 315 -16.30 -22.44 1.37
CA ALA A 315 -16.76 -23.25 2.50
C ALA A 315 -17.90 -22.58 3.27
N LEU A 316 -17.85 -21.26 3.41
CA LEU A 316 -18.92 -20.48 4.07
C LEU A 316 -20.22 -20.59 3.27
N GLN A 317 -20.14 -20.49 1.94
CA GLN A 317 -21.29 -20.73 1.06
C GLN A 317 -21.86 -22.14 1.18
N GLN A 318 -20.99 -23.14 1.30
CA GLN A 318 -21.40 -24.55 1.47
C GLN A 318 -22.24 -24.75 2.73
N VAL A 319 -21.81 -24.15 3.84
CA VAL A 319 -22.50 -24.30 5.13
C VAL A 319 -23.80 -23.48 5.20
N GLY A 320 -23.99 -22.55 4.28
CA GLY A 320 -25.22 -21.74 4.17
C GLY A 320 -25.06 -20.23 4.29
N GLY A 321 -23.82 -19.74 4.41
CA GLY A 321 -23.56 -18.32 4.64
C GLY A 321 -23.68 -17.97 6.11
N LEU A 322 -23.56 -16.68 6.43
CA LEU A 322 -23.62 -16.22 7.82
C LEU A 322 -25.07 -16.18 8.30
N LYS A 323 -25.49 -17.27 8.95
CA LYS A 323 -26.85 -17.40 9.51
C LYS A 323 -26.89 -17.19 11.03
N SER A 324 -25.90 -17.73 11.75
CA SER A 324 -25.90 -17.73 13.22
C SER A 324 -25.98 -16.32 13.82
N PRO A 325 -26.69 -16.16 14.95
CA PRO A 325 -26.96 -14.83 15.48
C PRO A 325 -25.74 -14.21 16.15
N TRP A 326 -25.72 -12.88 16.17
CA TRP A 326 -24.64 -12.11 16.79
C TRP A 326 -24.75 -12.25 18.29
N ARG A 327 -23.74 -12.88 18.89
CA ARG A 327 -23.74 -13.28 20.30
C ARG A 327 -24.95 -14.16 20.63
N GLY A 328 -24.93 -15.38 20.12
CA GLY A 328 -25.98 -16.36 20.38
C GLY A 328 -25.83 -17.02 21.73
N GLU A 329 -26.23 -18.28 21.83
CA GLU A 329 -26.13 -19.05 23.07
C GLU A 329 -24.68 -19.46 23.36
N TYR A 330 -24.44 -19.91 24.59
CA TYR A 330 -23.12 -20.40 25.01
C TYR A 330 -22.92 -21.83 24.53
N LYS A 331 -22.00 -22.03 23.58
CA LYS A 331 -21.54 -23.35 23.18
C LYS A 331 -20.39 -23.77 24.09
N GLU A 332 -20.46 -25.00 24.63
CA GLU A 332 -19.45 -25.49 25.57
C GLU A 332 -18.11 -25.72 24.85
N PRO A 333 -16.98 -25.27 25.43
CA PRO A 333 -15.67 -25.59 24.84
C PRO A 333 -15.31 -27.07 24.94
N ARG A 334 -14.32 -27.50 24.16
CA ARG A 334 -13.84 -28.89 24.21
C ARG A 334 -12.93 -29.08 25.44
N HIS A 335 -13.04 -30.24 26.08
CA HIS A 335 -12.22 -30.61 27.24
C HIS A 335 -11.47 -31.88 26.96
N GLY B 4 -25.62 16.32 -0.57
CA GLY B 4 -24.33 15.67 -0.98
C GLY B 4 -23.81 14.67 0.04
N SER B 5 -22.78 13.93 -0.36
CA SER B 5 -22.16 12.87 0.46
C SER B 5 -20.63 12.91 0.36
N VAL B 6 -20.07 14.10 0.56
CA VAL B 6 -18.62 14.34 0.48
C VAL B 6 -18.05 14.53 1.89
N SER B 7 -17.33 13.52 2.38
CA SER B 7 -16.73 13.56 3.73
C SER B 7 -15.22 13.80 3.69
N SER B 8 -14.67 14.16 4.85
CA SER B 8 -13.23 14.17 5.07
C SER B 8 -12.89 12.86 5.77
N GLY B 9 -11.92 12.12 5.23
CA GLY B 9 -11.57 10.82 5.78
C GLY B 9 -10.23 10.25 5.33
N GLN B 10 -10.10 8.94 5.46
CA GLN B 10 -8.86 8.21 5.17
C GLN B 10 -8.95 7.58 3.78
N ALA B 11 -7.82 7.04 3.30
CA ALA B 11 -7.73 6.46 1.97
C ALA B 11 -8.59 5.20 1.76
N HIS B 12 -8.84 4.44 2.83
CA HIS B 12 -9.66 3.22 2.74
C HIS B 12 -11.10 3.47 2.41
N SER B 13 -11.65 4.57 2.94
CA SER B 13 -13.02 4.99 2.63
C SER B 13 -13.20 5.40 1.15
N LEU B 14 -12.17 6.01 0.58
CA LEU B 14 -12.17 6.45 -0.82
C LEU B 14 -12.15 5.27 -1.81
N THR B 15 -11.34 4.27 -1.49
CA THR B 15 -11.09 3.14 -2.40
C THR B 15 -12.32 2.24 -2.58
N SER B 16 -13.04 1.99 -1.48
CA SER B 16 -14.34 1.29 -1.54
C SER B 16 -15.37 2.06 -2.38
N LEU B 17 -15.38 3.39 -2.24
CA LEU B 17 -16.22 4.27 -3.06
C LEU B 17 -15.74 4.33 -4.53
N ALA B 18 -14.45 4.15 -4.76
CA ALA B 18 -13.88 4.08 -6.11
C ALA B 18 -14.36 2.85 -6.90
N LYS B 19 -14.56 1.73 -6.21
CA LYS B 19 -15.08 0.51 -6.85
C LYS B 19 -16.48 0.68 -7.43
N THR B 20 -17.34 1.41 -6.71
CA THR B 20 -18.72 1.66 -7.16
C THR B 20 -18.78 2.57 -8.39
N TRP B 21 -17.87 3.54 -8.48
CA TRP B 21 -17.77 4.44 -9.64
C TRP B 21 -17.34 3.71 -10.89
N ALA B 22 -16.36 2.82 -10.75
CA ALA B 22 -15.87 2.01 -11.87
C ALA B 22 -16.86 0.94 -12.33
N ALA B 23 -17.68 0.44 -11.40
CA ALA B 23 -18.70 -0.58 -11.70
C ALA B 23 -19.80 -0.11 -12.66
N ARG B 24 -20.09 1.20 -12.65
CA ARG B 24 -21.12 1.79 -13.52
C ARG B 24 -20.71 1.73 -15.00
N ASP B 37 -25.65 14.15 -8.42
CA ASP B 37 -25.06 13.53 -7.24
C ASP B 37 -23.66 14.08 -6.98
N ASN B 38 -23.31 14.18 -5.71
CA ASN B 38 -22.03 14.76 -5.29
C ASN B 38 -21.47 14.00 -4.08
N GLU B 39 -20.59 13.03 -4.36
CA GLU B 39 -20.02 12.15 -3.34
C GLU B 39 -18.51 12.03 -3.51
N GLY B 40 -17.81 11.80 -2.39
CA GLY B 40 -16.37 11.63 -2.42
C GLY B 40 -15.71 11.60 -1.05
N VAL B 41 -14.39 11.54 -1.06
CA VAL B 41 -13.57 11.61 0.16
C VAL B 41 -12.35 12.50 -0.10
N LEU B 42 -12.19 13.52 0.74
CA LEU B 42 -11.03 14.41 0.69
C LEU B 42 -10.06 13.98 1.79
N LEU B 43 -8.84 13.62 1.38
CA LEU B 43 -7.85 13.01 2.27
C LEU B 43 -7.07 14.03 3.09
N THR B 44 -6.71 15.15 2.45
CA THR B 44 -5.96 16.23 3.12
C THR B 44 -6.88 17.21 3.85
N GLU B 45 -6.31 17.92 4.83
CA GLU B 45 -7.01 19.00 5.54
C GLU B 45 -7.16 20.24 4.65
N LYS B 46 -6.26 20.39 3.68
CA LYS B 46 -6.24 21.54 2.75
C LYS B 46 -7.51 21.69 1.91
N LEU B 47 -8.23 20.60 1.66
CA LEU B 47 -9.49 20.60 0.94
C LEU B 47 -10.63 20.20 1.87
N LYS B 48 -11.53 21.15 2.17
CA LYS B 48 -12.63 20.95 3.12
C LYS B 48 -13.98 20.98 2.41
N PRO B 49 -14.83 19.94 2.63
CA PRO B 49 -16.20 20.01 2.12
C PRO B 49 -17.06 20.95 2.97
N VAL B 50 -18.15 21.44 2.38
CA VAL B 50 -19.07 22.36 3.05
C VAL B 50 -20.47 21.73 3.06
N ASP B 51 -20.97 21.41 4.25
CA ASP B 51 -22.24 20.67 4.44
C ASP B 51 -22.31 19.43 3.54
N ALA B 52 -21.25 18.62 3.60
CA ALA B 52 -21.11 17.39 2.82
C ALA B 52 -21.15 17.57 1.30
N GLU B 53 -20.71 18.74 0.81
CA GLU B 53 -20.66 19.03 -0.63
C GLU B 53 -19.29 19.59 -1.03
N TYR B 54 -18.89 19.28 -2.27
CA TYR B 54 -17.67 19.83 -2.86
C TYR B 54 -17.89 19.88 -4.37
N ARG B 55 -18.08 21.11 -4.88
CA ARG B 55 -18.57 21.36 -6.23
C ARG B 55 -17.72 22.41 -6.93
N GLU B 56 -17.47 22.19 -8.22
CA GLU B 56 -16.66 23.11 -9.02
C GLU B 56 -17.37 24.46 -9.18
N GLU B 57 -16.59 25.55 -9.20
CA GLU B 57 -17.08 26.93 -9.28
C GLU B 57 -17.88 27.42 -8.05
N VAL B 58 -17.90 26.63 -6.98
CA VAL B 58 -18.68 26.91 -5.76
C VAL B 58 -17.79 26.81 -4.52
N HIS B 59 -17.21 25.62 -4.32
CA HIS B 59 -16.27 25.36 -3.22
C HIS B 59 -14.83 25.36 -3.66
N TRP B 60 -14.57 24.98 -4.92
CA TRP B 60 -13.24 25.10 -5.51
C TRP B 60 -13.33 25.52 -6.96
N ALA B 61 -12.21 25.89 -7.55
CA ALA B 61 -12.19 26.36 -8.94
C ALA B 61 -10.89 26.09 -9.66
N THR B 62 -11.00 25.91 -10.98
CA THR B 62 -9.86 25.74 -11.88
C THR B 62 -9.27 27.10 -12.26
N HIS B 63 -7.96 27.13 -12.52
CA HIS B 63 -7.28 28.32 -13.07
C HIS B 63 -7.13 28.19 -14.55
N GLN B 64 -6.94 29.32 -15.23
CA GLN B 64 -7.07 29.41 -16.70
C GLN B 64 -6.16 28.46 -17.50
N LEU B 65 -4.85 28.60 -17.33
CA LEU B 65 -3.88 27.75 -18.05
C LEU B 65 -3.89 26.31 -17.53
N ARG B 66 -3.73 25.36 -18.45
CA ARG B 66 -3.73 23.93 -18.13
C ARG B 66 -2.33 23.46 -17.72
N LEU B 67 -2.23 22.17 -17.36
CA LEU B 67 -0.95 21.50 -17.15
C LEU B 67 -0.87 20.24 -18.05
N GLY B 68 -1.28 20.41 -19.31
CA GLY B 68 -1.27 19.32 -20.29
C GLY B 68 -2.42 18.33 -20.13
N ARG B 69 -2.64 17.52 -21.17
CA ARG B 69 -3.67 16.48 -21.16
C ARG B 69 -3.16 15.23 -20.45
N GLY B 70 -4.06 14.57 -19.70
CA GLY B 70 -3.73 13.34 -18.96
C GLY B 70 -3.99 12.08 -19.75
N SER B 71 -4.40 11.01 -19.06
CA SER B 71 -4.69 9.72 -19.68
C SER B 71 -6.06 9.75 -20.37
N PHE B 72 -7.10 10.02 -19.57
CA PHE B 72 -8.49 10.09 -20.05
C PHE B 72 -9.16 11.38 -19.56
N GLY B 73 -8.48 12.51 -19.80
CA GLY B 73 -8.98 13.82 -19.36
C GLY B 73 -7.88 14.84 -19.14
N GLU B 74 -8.26 16.12 -19.12
CA GLU B 74 -7.31 17.24 -18.98
C GLU B 74 -7.00 17.51 -17.50
N VAL B 75 -5.80 18.06 -17.25
CA VAL B 75 -5.31 18.38 -15.90
C VAL B 75 -5.15 19.89 -15.73
N HIS B 76 -5.48 20.39 -14.54
CA HIS B 76 -5.44 21.83 -14.25
C HIS B 76 -4.86 22.14 -12.90
N ARG B 77 -4.59 23.42 -12.68
CA ARG B 77 -4.24 23.97 -11.36
C ARG B 77 -5.55 24.35 -10.66
N MET B 78 -5.66 24.00 -9.37
CA MET B 78 -6.90 24.12 -8.60
C MET B 78 -6.70 25.01 -7.35
N GLU B 79 -7.79 25.58 -6.85
CA GLU B 79 -7.79 26.36 -5.60
C GLU B 79 -9.06 26.12 -4.79
N ASP B 80 -8.91 25.73 -3.52
CA ASP B 80 -10.02 25.64 -2.56
C ASP B 80 -10.38 27.06 -2.12
N LYS B 81 -11.65 27.44 -2.26
CA LYS B 81 -12.08 28.83 -2.02
C LYS B 81 -12.05 29.22 -0.54
N GLN B 82 -12.52 28.33 0.34
CA GLN B 82 -12.57 28.58 1.77
C GLN B 82 -11.15 28.65 2.37
N THR B 83 -10.38 27.58 2.18
CA THR B 83 -9.05 27.45 2.80
C THR B 83 -7.92 28.15 2.03
N GLY B 84 -8.14 28.43 0.74
CA GLY B 84 -7.13 29.08 -0.08
C GLY B 84 -5.96 28.21 -0.54
N PHE B 85 -5.97 26.92 -0.20
CA PHE B 85 -4.87 26.01 -0.58
C PHE B 85 -4.95 25.64 -2.06
N GLN B 86 -3.78 25.52 -2.69
CA GLN B 86 -3.69 25.18 -4.09
C GLN B 86 -3.26 23.72 -4.28
N CYS B 87 -3.81 23.07 -5.30
CA CYS B 87 -3.42 21.71 -5.65
C CYS B 87 -3.71 21.46 -7.13
N ALA B 88 -3.42 20.25 -7.60
CA ALA B 88 -3.69 19.86 -8.98
C ALA B 88 -4.98 19.03 -9.04
N VAL B 89 -5.67 19.11 -10.19
CA VAL B 89 -6.93 18.38 -10.40
C VAL B 89 -6.96 17.75 -11.79
N LYS B 90 -7.36 16.47 -11.85
CA LYS B 90 -7.62 15.79 -13.12
C LYS B 90 -9.08 15.33 -13.16
N LYS B 91 -9.77 15.64 -14.25
CA LYS B 91 -11.17 15.30 -14.45
C LYS B 91 -11.29 14.07 -15.34
N VAL B 92 -11.74 12.94 -14.76
CA VAL B 92 -11.96 11.70 -15.50
C VAL B 92 -13.46 11.44 -15.66
N SER B 93 -13.86 10.99 -16.85
CA SER B 93 -15.26 10.61 -17.13
C SER B 93 -15.61 9.25 -16.52
N LEU B 94 -16.81 9.13 -15.96
CA LEU B 94 -17.29 7.88 -15.33
C LEU B 94 -17.34 6.67 -16.27
N GLU B 95 -17.64 6.89 -17.54
CA GLU B 95 -17.65 5.80 -18.53
C GLU B 95 -16.25 5.19 -18.74
N VAL B 96 -15.22 6.04 -18.68
CA VAL B 96 -13.81 5.61 -18.82
C VAL B 96 -13.06 5.42 -17.49
N PHE B 97 -13.70 5.74 -16.36
CA PHE B 97 -13.03 5.72 -15.05
C PHE B 97 -12.67 4.31 -14.59
N ARG B 98 -11.44 4.17 -14.10
CA ARG B 98 -10.91 2.91 -13.54
C ARG B 98 -10.56 3.11 -12.08
N ALA B 99 -10.93 2.15 -11.23
CA ALA B 99 -10.65 2.20 -9.79
C ALA B 99 -9.15 2.24 -9.46
N GLU B 100 -8.34 1.61 -10.33
CA GLU B 100 -6.89 1.57 -10.18
C GLU B 100 -6.21 2.95 -10.24
N GLU B 101 -6.88 3.96 -10.79
CA GLU B 101 -6.37 5.35 -10.75
C GLU B 101 -6.14 5.82 -9.31
N LEU B 102 -7.16 5.65 -8.47
CA LEU B 102 -7.10 6.05 -7.07
C LEU B 102 -6.38 5.00 -6.22
N MET B 103 -6.69 3.73 -6.44
CA MET B 103 -6.09 2.63 -5.66
C MET B 103 -4.58 2.49 -5.83
N ALA B 104 -4.05 2.84 -7.00
CA ALA B 104 -2.60 2.79 -7.26
C ALA B 104 -1.80 3.86 -6.51
N CYS B 105 -2.44 4.96 -6.11
CA CYS B 105 -1.75 6.08 -5.44
C CYS B 105 -2.31 6.50 -4.07
N ALA B 106 -3.45 5.97 -3.64
CA ALA B 106 -4.09 6.41 -2.40
C ALA B 106 -3.34 5.90 -1.16
N GLY B 107 -2.82 6.84 -0.37
CA GLY B 107 -2.15 6.53 0.89
C GLY B 107 -0.81 5.82 0.78
N LEU B 108 -0.12 5.99 -0.35
CA LEU B 108 1.17 5.33 -0.58
C LEU B 108 2.26 5.94 0.29
N THR B 109 3.05 5.07 0.92
CA THR B 109 4.14 5.47 1.81
C THR B 109 5.43 5.61 0.98
N SER B 110 5.47 6.64 0.13
CA SER B 110 6.62 6.87 -0.77
C SER B 110 6.71 8.32 -1.23
N PRO B 111 7.91 8.94 -1.14
CA PRO B 111 8.09 10.30 -1.63
C PRO B 111 8.25 10.44 -3.16
N ARG B 112 8.43 9.32 -3.87
CA ARG B 112 8.60 9.34 -5.34
C ARG B 112 7.29 9.08 -6.11
N ILE B 113 6.14 9.12 -5.43
CA ILE B 113 4.82 9.01 -6.04
C ILE B 113 4.00 10.22 -5.61
N VAL B 114 3.35 10.88 -6.56
CA VAL B 114 2.59 12.12 -6.27
C VAL B 114 1.39 11.78 -5.38
N PRO B 115 1.29 12.42 -4.20
CA PRO B 115 0.22 12.06 -3.27
C PRO B 115 -1.18 12.49 -3.70
N LEU B 116 -2.17 11.65 -3.38
CA LEU B 116 -3.58 11.88 -3.71
C LEU B 116 -4.22 12.65 -2.56
N TYR B 117 -4.68 13.87 -2.83
CA TYR B 117 -5.36 14.68 -1.83
C TYR B 117 -6.85 14.35 -1.69
N GLY B 118 -7.42 13.67 -2.67
CA GLY B 118 -8.82 13.23 -2.61
C GLY B 118 -9.43 12.89 -3.94
N ALA B 119 -10.69 12.47 -3.90
CA ALA B 119 -11.48 12.19 -5.10
C ALA B 119 -12.94 12.51 -4.83
N VAL B 120 -13.56 13.29 -5.72
CA VAL B 120 -14.96 13.69 -5.60
C VAL B 120 -15.67 13.55 -6.94
N ARG B 121 -16.78 12.81 -6.94
CA ARG B 121 -17.65 12.68 -8.11
C ARG B 121 -18.65 13.84 -8.11
N GLU B 122 -18.83 14.46 -9.28
CA GLU B 122 -19.88 15.46 -9.48
C GLU B 122 -20.58 15.18 -10.81
N GLY B 123 -21.65 14.40 -10.75
CA GLY B 123 -22.43 14.01 -11.92
C GLY B 123 -21.69 12.97 -12.76
N PRO B 124 -21.43 13.27 -14.04
CA PRO B 124 -20.76 12.30 -14.93
C PRO B 124 -19.24 12.20 -14.78
N ALA B 125 -18.61 13.16 -14.10
CA ALA B 125 -17.15 13.26 -13.99
C ALA B 125 -16.67 13.00 -12.58
N VAL B 126 -15.50 12.38 -12.46
CA VAL B 126 -14.80 12.21 -11.19
C VAL B 126 -13.57 13.10 -11.20
N ASN B 127 -13.49 14.01 -10.23
CA ASN B 127 -12.36 14.92 -10.08
C ASN B 127 -11.37 14.34 -9.09
N ILE B 128 -10.14 14.14 -9.55
CA ILE B 128 -9.07 13.54 -8.75
C ILE B 128 -8.10 14.64 -8.33
N PHE B 129 -8.05 14.90 -7.01
CA PHE B 129 -7.23 15.98 -6.46
C PHE B 129 -5.86 15.44 -6.02
N MET B 130 -4.79 16.11 -6.45
CA MET B 130 -3.41 15.69 -6.19
C MET B 130 -2.52 16.88 -5.83
N GLU B 131 -1.40 16.60 -5.17
CA GLU B 131 -0.41 17.63 -4.85
C GLU B 131 0.16 18.25 -6.12
N LEU B 132 0.19 19.58 -6.13
CA LEU B 132 0.75 20.35 -7.25
C LEU B 132 2.25 20.45 -7.04
N LEU B 133 3.02 20.12 -8.09
CA LEU B 133 4.47 20.23 -8.09
C LEU B 133 4.88 21.39 -8.98
N GLU B 134 5.62 22.34 -8.40
CA GLU B 134 5.87 23.66 -9.01
C GLU B 134 6.82 23.62 -10.22
N GLY B 135 7.72 22.63 -10.25
CA GLY B 135 8.71 22.52 -11.31
C GLY B 135 8.22 22.07 -12.68
N GLY B 136 6.94 21.70 -12.77
CA GLY B 136 6.36 21.19 -14.02
C GLY B 136 6.74 19.75 -14.22
N SER B 137 6.62 19.28 -15.47
CA SER B 137 6.92 17.88 -15.81
C SER B 137 8.35 17.76 -16.33
N LEU B 138 8.91 16.56 -16.19
CA LEU B 138 10.24 16.23 -16.72
C LEU B 138 10.26 16.27 -18.25
N GLY B 139 9.10 16.03 -18.88
CA GLY B 139 8.94 16.21 -20.31
C GLY B 139 9.01 17.67 -20.73
N GLN B 140 8.40 18.55 -19.92
CA GLN B 140 8.45 20.00 -20.15
C GLN B 140 9.86 20.56 -19.96
N LEU B 141 10.63 19.98 -19.04
CA LEU B 141 12.05 20.33 -18.87
C LEU B 141 12.86 19.97 -20.10
N VAL B 142 12.58 18.78 -20.67
CA VAL B 142 13.28 18.31 -21.88
C VAL B 142 12.99 19.21 -23.09
N LYS B 143 11.77 19.76 -23.19
CA LYS B 143 11.43 20.72 -24.25
C LYS B 143 12.19 22.04 -24.05
N GLU B 144 12.07 22.62 -22.86
CA GLU B 144 12.70 23.90 -22.52
C GLU B 144 14.25 23.87 -22.50
N GLN B 145 14.84 22.70 -22.27
CA GLN B 145 16.30 22.52 -22.27
C GLN B 145 16.84 21.86 -23.54
N GLY B 146 15.96 21.32 -24.38
CA GLY B 146 16.37 20.58 -25.58
C GLY B 146 16.67 19.12 -25.24
N CYS B 147 17.73 18.91 -24.48
CA CYS B 147 17.97 17.63 -23.80
C CYS B 147 18.76 17.85 -22.50
N LEU B 148 18.66 16.88 -21.59
CA LEU B 148 19.30 16.98 -20.28
C LEU B 148 20.71 16.38 -20.32
N PRO B 149 21.65 16.94 -19.53
CA PRO B 149 22.96 16.28 -19.38
C PRO B 149 22.85 14.97 -18.59
N GLU B 150 23.81 14.08 -18.85
CA GLU B 150 23.80 12.69 -18.37
C GLU B 150 23.60 12.54 -16.86
N ASP B 151 24.29 13.38 -16.08
CA ASP B 151 24.13 13.37 -14.61
C ASP B 151 22.72 13.74 -14.16
N ARG B 152 22.10 14.68 -14.87
CA ARG B 152 20.71 15.09 -14.58
C ARG B 152 19.72 13.99 -15.00
N ALA B 153 19.98 13.37 -16.16
CA ALA B 153 19.15 12.27 -16.66
C ALA B 153 19.18 11.05 -15.73
N LEU B 154 20.38 10.68 -15.28
CA LEU B 154 20.57 9.60 -14.30
C LEU B 154 19.89 9.89 -12.97
N TYR B 155 19.90 11.16 -12.54
CA TYR B 155 19.33 11.58 -11.27
C TYR B 155 17.81 11.38 -11.25
N TYR B 156 17.13 11.83 -12.30
CA TYR B 156 15.68 11.70 -12.42
C TYR B 156 15.23 10.27 -12.75
N LEU B 157 16.00 9.56 -13.57
CA LEU B 157 15.76 8.14 -13.85
C LEU B 157 15.86 7.30 -12.59
N GLY B 158 16.82 7.64 -11.73
CA GLY B 158 17.03 6.94 -10.47
C GLY B 158 15.86 7.09 -9.53
N GLN B 159 15.38 8.33 -9.38
CA GLN B 159 14.19 8.60 -8.57
C GLN B 159 12.91 7.99 -9.14
N ALA B 160 12.82 7.95 -10.47
CA ALA B 160 11.70 7.28 -11.15
C ALA B 160 11.67 5.79 -10.82
N LEU B 161 12.83 5.14 -10.90
CA LEU B 161 12.98 3.71 -10.59
C LEU B 161 12.76 3.38 -9.10
N GLU B 162 13.10 4.32 -8.21
CA GLU B 162 12.78 4.19 -6.78
C GLU B 162 11.27 4.11 -6.58
N GLY B 163 10.54 4.95 -7.30
CA GLY B 163 9.08 4.93 -7.32
C GLY B 163 8.52 3.64 -7.93
N LEU B 164 9.11 3.21 -9.04
CA LEU B 164 8.68 1.98 -9.71
C LEU B 164 8.95 0.74 -8.87
N GLU B 165 10.12 0.71 -8.22
CA GLU B 165 10.48 -0.35 -7.26
C GLU B 165 9.39 -0.48 -6.19
N TYR B 166 8.99 0.65 -5.63
CA TYR B 166 7.94 0.70 -4.61
C TYR B 166 6.62 0.13 -5.13
N LEU B 167 6.25 0.51 -6.35
CA LEU B 167 5.00 0.02 -6.97
C LEU B 167 5.08 -1.46 -7.33
N HIS B 168 6.15 -1.87 -8.01
CA HIS B 168 6.33 -3.28 -8.43
C HIS B 168 6.42 -4.21 -7.25
N SER B 169 7.10 -3.77 -6.20
CA SER B 169 7.11 -4.46 -4.91
C SER B 169 5.70 -4.76 -4.41
N ARG B 170 4.80 -3.77 -4.52
CA ARG B 170 3.45 -3.84 -3.96
C ARG B 170 2.35 -4.20 -5.00
N ARG B 171 2.69 -5.09 -5.93
CA ARG B 171 1.75 -5.66 -6.92
C ARG B 171 1.14 -4.63 -7.90
N ILE B 172 1.80 -3.49 -8.10
CA ILE B 172 1.26 -2.40 -8.92
C ILE B 172 2.17 -2.11 -10.12
N LEU B 173 1.58 -2.16 -11.32
CA LEU B 173 2.24 -1.72 -12.55
C LEU B 173 1.78 -0.27 -12.83
N HIS B 174 2.70 0.61 -13.22
CA HIS B 174 2.32 2.01 -13.56
C HIS B 174 1.63 2.04 -14.88
N GLY B 175 2.27 1.49 -15.90
CA GLY B 175 1.62 1.26 -17.21
C GLY B 175 1.87 2.29 -18.29
N ASP B 176 2.20 3.52 -17.91
CA ASP B 176 2.55 4.57 -18.87
C ASP B 176 3.67 5.45 -18.30
N VAL B 177 4.83 4.82 -18.06
CA VAL B 177 6.00 5.53 -17.54
C VAL B 177 6.64 6.35 -18.64
N LYS B 178 6.58 7.68 -18.51
CA LYS B 178 7.25 8.59 -19.44
C LYS B 178 7.57 9.91 -18.78
N ALA B 179 8.35 10.74 -19.48
CA ALA B 179 8.81 12.04 -18.97
C ALA B 179 7.65 12.96 -18.55
N ASP B 180 6.58 12.97 -19.34
CA ASP B 180 5.37 13.76 -19.03
C ASP B 180 4.66 13.34 -17.73
N ASN B 181 4.85 12.08 -17.32
CA ASN B 181 4.26 11.56 -16.08
C ASN B 181 5.22 11.55 -14.87
N VAL B 182 6.35 12.25 -15.00
CA VAL B 182 7.27 12.50 -13.89
C VAL B 182 7.30 14.00 -13.63
N LEU B 183 6.96 14.40 -12.41
CA LEU B 183 6.83 15.82 -12.05
C LEU B 183 7.91 16.23 -11.07
N LEU B 184 8.41 17.46 -11.23
CA LEU B 184 9.56 17.95 -10.47
C LEU B 184 9.16 19.02 -9.46
N SER B 185 9.86 19.05 -8.32
CA SER B 185 9.67 20.10 -7.31
C SER B 185 10.21 21.45 -7.81
N SER B 186 9.91 22.51 -7.07
CA SER B 186 10.29 23.88 -7.42
C SER B 186 11.76 24.05 -7.83
N ASP B 187 12.66 23.53 -6.98
CA ASP B 187 14.11 23.61 -7.21
C ASP B 187 14.69 22.49 -8.09
N GLY B 188 13.84 21.54 -8.50
CA GLY B 188 14.25 20.42 -9.36
C GLY B 188 14.97 19.27 -8.68
N SER B 189 14.93 19.23 -7.35
CA SER B 189 15.64 18.19 -6.59
C SER B 189 14.81 16.92 -6.43
N HIS B 190 13.51 17.07 -6.16
CA HIS B 190 12.60 15.93 -5.99
C HIS B 190 11.82 15.67 -7.26
N ALA B 191 11.74 14.40 -7.64
CA ALA B 191 10.94 13.93 -8.78
C ALA B 191 9.96 12.87 -8.30
N ALA B 192 8.74 12.88 -8.86
CA ALA B 192 7.68 11.97 -8.44
C ALA B 192 6.82 11.51 -9.61
N LEU B 193 6.46 10.22 -9.62
CA LEU B 193 5.58 9.66 -10.65
C LEU B 193 4.12 10.10 -10.44
N CYS B 194 3.41 10.33 -11.54
CA CYS B 194 1.99 10.66 -11.52
C CYS B 194 1.24 9.91 -12.63
N ASP B 195 -0.07 10.15 -12.72
CA ASP B 195 -0.93 9.65 -13.80
C ASP B 195 -1.03 8.12 -13.79
N PHE B 196 -1.91 7.60 -12.94
CA PHE B 196 -2.12 6.16 -12.79
C PHE B 196 -3.35 5.64 -13.56
N GLY B 197 -3.68 6.32 -14.67
CA GLY B 197 -4.75 5.93 -15.58
C GLY B 197 -4.61 4.56 -16.22
N HIS B 198 -3.37 4.18 -16.52
CA HIS B 198 -3.06 2.86 -17.09
C HIS B 198 -2.60 1.85 -16.05
N ALA B 199 -2.79 2.17 -14.77
CA ALA B 199 -2.26 1.33 -13.69
C ALA B 199 -3.01 0.01 -13.59
N VAL B 200 -2.26 -1.09 -13.51
CA VAL B 200 -2.82 -2.44 -13.40
C VAL B 200 -2.31 -3.10 -12.13
N CYS B 201 -3.20 -3.80 -11.43
CA CYS B 201 -2.83 -4.58 -10.24
C CYS B 201 -2.42 -5.97 -10.70
N LEU B 202 -1.20 -6.38 -10.33
CA LEU B 202 -0.64 -7.67 -10.74
C LEU B 202 -1.08 -8.79 -9.79
N GLN B 203 -1.37 -9.95 -10.35
CA GLN B 203 -1.81 -11.13 -9.59
C GLN B 203 -0.69 -12.18 -9.52
N PRO B 204 -0.59 -12.93 -8.40
CA PRO B 204 0.40 -14.00 -8.29
C PRO B 204 -0.08 -15.29 -8.94
N SER B 210 6.16 -15.39 -9.00
CA SER B 210 6.18 -14.22 -9.87
C SER B 210 4.81 -13.55 -9.97
N LEU B 211 4.82 -12.32 -10.49
CA LEU B 211 3.61 -11.50 -10.67
C LEU B 211 3.34 -11.31 -12.16
N LEU B 212 2.06 -11.39 -12.55
CA LEU B 212 1.65 -11.25 -13.96
C LEU B 212 0.31 -10.52 -14.09
N THR B 213 -0.04 -10.19 -15.32
CA THR B 213 -1.33 -9.57 -15.64
C THR B 213 -1.74 -9.83 -17.11
N GLY B 214 -3.03 -9.67 -17.37
CA GLY B 214 -3.58 -9.76 -18.74
C GLY B 214 -4.76 -8.82 -18.99
N ASP B 215 -4.77 -7.67 -18.32
CA ASP B 215 -5.79 -6.63 -18.51
C ASP B 215 -5.13 -5.27 -18.77
N TYR B 216 -3.97 -5.30 -19.42
CA TYR B 216 -3.11 -4.11 -19.57
C TYR B 216 -3.62 -3.19 -20.69
N ILE B 217 -3.85 -1.93 -20.34
CA ILE B 217 -4.19 -0.89 -21.32
C ILE B 217 -2.87 -0.29 -21.79
N PRO B 218 -2.50 -0.48 -23.07
CA PRO B 218 -1.19 0.00 -23.53
C PRO B 218 -1.10 1.52 -23.60
N GLY B 219 -0.01 2.08 -23.06
CA GLY B 219 0.20 3.52 -23.01
C GLY B 219 0.83 4.07 -24.27
N THR B 220 1.84 4.93 -24.12
CA THR B 220 2.47 5.62 -25.23
C THR B 220 3.23 4.62 -26.11
N GLU B 221 3.11 4.80 -27.42
CA GLU B 221 3.56 3.82 -28.42
C GLU B 221 5.09 3.69 -28.45
N THR B 222 5.79 4.83 -28.42
CA THR B 222 7.26 4.86 -28.42
C THR B 222 7.88 4.17 -27.20
N HIS B 223 7.17 4.18 -26.07
CA HIS B 223 7.63 3.56 -24.83
C HIS B 223 7.08 2.16 -24.58
N MET B 224 6.35 1.59 -25.55
CA MET B 224 5.80 0.22 -25.40
C MET B 224 6.87 -0.84 -25.50
N ALA B 225 6.83 -1.81 -24.59
CA ALA B 225 7.73 -2.97 -24.63
C ALA B 225 7.26 -3.95 -25.71
N PRO B 226 8.18 -4.80 -26.23
CA PRO B 226 7.81 -5.77 -27.27
C PRO B 226 6.74 -6.79 -26.86
N GLU B 227 6.84 -7.31 -25.63
CA GLU B 227 5.86 -8.28 -25.11
C GLU B 227 4.41 -7.77 -25.14
N VAL B 228 4.24 -6.45 -24.97
CA VAL B 228 2.91 -5.81 -25.06
C VAL B 228 2.34 -5.93 -26.46
N VAL B 229 3.13 -5.55 -27.48
CA VAL B 229 2.66 -5.54 -28.87
C VAL B 229 2.40 -6.94 -29.42
N LEU B 230 3.10 -7.94 -28.89
CA LEU B 230 2.89 -9.35 -29.24
C LEU B 230 1.70 -10.00 -28.52
N GLY B 231 1.16 -9.35 -27.50
CA GLY B 231 -0.03 -9.84 -26.79
C GLY B 231 0.26 -11.02 -25.88
N ARG B 232 1.34 -10.92 -25.12
CA ARG B 232 1.80 -11.98 -24.21
C ARG B 232 1.46 -11.63 -22.76
N SER B 233 1.80 -12.55 -21.85
CA SER B 233 1.63 -12.31 -20.40
C SER B 233 2.64 -11.27 -19.91
N CYS B 234 2.16 -10.03 -19.74
CA CYS B 234 3.00 -8.92 -19.29
C CYS B 234 3.20 -8.95 -17.77
N ASP B 235 4.21 -8.23 -17.30
CA ASP B 235 4.45 -8.04 -15.87
C ASP B 235 5.15 -6.69 -15.62
N ALA B 236 5.66 -6.48 -14.40
CA ALA B 236 6.33 -5.22 -14.02
C ALA B 236 7.50 -4.79 -14.93
N LYS B 237 8.09 -5.73 -15.67
CA LYS B 237 9.20 -5.43 -16.58
C LYS B 237 8.85 -4.46 -17.71
N VAL B 238 7.56 -4.29 -18.01
CA VAL B 238 7.11 -3.31 -19.02
C VAL B 238 7.45 -1.87 -18.64
N ASP B 239 7.35 -1.54 -17.35
CA ASP B 239 7.77 -0.23 -16.85
C ASP B 239 9.28 -0.01 -16.94
N VAL B 240 10.06 -1.09 -16.83
CA VAL B 240 11.52 -1.01 -16.97
C VAL B 240 11.91 -0.62 -18.39
N TRP B 241 11.29 -1.26 -19.38
CA TRP B 241 11.46 -0.89 -20.78
C TRP B 241 11.14 0.56 -21.01
N SER B 242 9.94 0.98 -20.56
CA SER B 242 9.47 2.36 -20.73
C SER B 242 10.39 3.39 -20.07
N SER B 243 10.89 3.09 -18.88
CA SER B 243 11.83 3.99 -18.19
C SER B 243 13.14 4.20 -18.96
N CYS B 244 13.64 3.14 -19.58
CA CYS B 244 14.83 3.23 -20.44
C CYS B 244 14.57 4.02 -21.74
N CYS B 245 13.36 3.92 -22.28
CA CYS B 245 12.93 4.77 -23.39
C CYS B 245 12.88 6.24 -22.96
N MET B 246 12.36 6.48 -21.76
CA MET B 246 12.36 7.82 -21.14
C MET B 246 13.79 8.36 -20.95
N MET B 247 14.73 7.47 -20.63
CA MET B 247 16.15 7.85 -20.50
C MET B 247 16.73 8.32 -21.83
N LEU B 248 16.49 7.53 -22.88
CA LEU B 248 16.87 7.91 -24.25
C LEU B 248 16.23 9.24 -24.67
N HIS B 249 14.97 9.44 -24.28
CA HIS B 249 14.26 10.70 -24.51
C HIS B 249 14.90 11.86 -23.78
N MET B 250 15.29 11.65 -22.53
CA MET B 250 15.99 12.69 -21.75
C MET B 250 17.34 13.07 -22.35
N LEU B 251 18.10 12.08 -22.81
CA LEU B 251 19.44 12.29 -23.36
C LEU B 251 19.42 12.90 -24.76
N ASN B 252 18.53 12.40 -25.62
CA ASN B 252 18.49 12.79 -27.04
C ASN B 252 17.52 13.92 -27.37
N GLY B 253 16.56 14.19 -26.47
CA GLY B 253 15.57 15.26 -26.68
C GLY B 253 14.36 14.86 -27.54
N CYS B 254 14.36 13.63 -28.05
CA CYS B 254 13.26 13.10 -28.85
C CYS B 254 12.99 11.66 -28.42
N HIS B 255 11.73 11.23 -28.51
CA HIS B 255 11.34 9.86 -28.16
C HIS B 255 12.12 8.87 -28.99
N PRO B 256 12.36 7.65 -28.46
CA PRO B 256 13.02 6.65 -29.30
C PRO B 256 12.13 6.24 -30.48
N TRP B 257 12.76 5.67 -31.51
CA TRP B 257 12.11 5.23 -32.77
C TRP B 257 11.77 6.30 -33.77
N THR B 258 11.20 7.43 -33.32
CA THR B 258 10.55 8.41 -34.19
C THR B 258 11.45 9.02 -35.29
N GLN B 259 12.73 9.20 -34.98
CA GLN B 259 13.69 9.74 -35.96
C GLN B 259 14.04 8.76 -37.10
N PHE B 260 13.93 7.46 -36.82
CA PHE B 260 14.28 6.41 -37.79
C PHE B 260 13.06 5.71 -38.43
N PHE B 261 11.89 5.86 -37.84
CA PHE B 261 10.66 5.26 -38.36
C PHE B 261 9.46 6.20 -38.21
N ARG B 262 8.59 6.21 -39.21
CA ARG B 262 7.36 6.98 -39.21
C ARG B 262 6.17 6.03 -39.15
N GLY B 263 4.97 6.60 -38.97
CA GLY B 263 3.75 5.82 -38.85
C GLY B 263 3.66 5.11 -37.51
N PRO B 264 2.81 4.08 -37.40
CA PRO B 264 2.71 3.31 -36.15
C PRO B 264 3.91 2.40 -35.93
N LEU B 265 4.51 2.49 -34.73
CA LEU B 265 5.74 1.76 -34.39
C LEU B 265 5.52 0.34 -33.85
N CYS B 266 4.27 -0.03 -33.57
CA CYS B 266 3.94 -1.31 -32.90
C CYS B 266 4.61 -2.54 -33.52
N LEU B 267 4.56 -2.63 -34.84
CA LEU B 267 5.16 -3.75 -35.57
C LEU B 267 6.69 -3.69 -35.59
N LYS B 268 7.25 -2.48 -35.68
CA LYS B 268 8.70 -2.28 -35.69
C LYS B 268 9.35 -2.66 -34.34
N ILE B 269 8.64 -2.37 -33.24
CA ILE B 269 9.10 -2.74 -31.90
C ILE B 269 9.15 -4.27 -31.74
N ALA B 270 8.14 -4.95 -32.28
CA ALA B 270 8.08 -6.41 -32.28
C ALA B 270 9.18 -7.07 -33.14
N SER B 271 9.46 -6.50 -34.31
CA SER B 271 10.36 -7.12 -35.30
C SER B 271 11.82 -6.67 -35.19
N GLU B 272 12.04 -5.36 -35.14
CA GLU B 272 13.41 -4.79 -35.18
C GLU B 272 14.10 -4.96 -33.83
N PRO B 273 15.46 -4.88 -33.79
CA PRO B 273 16.16 -4.98 -32.51
C PRO B 273 15.85 -3.80 -31.56
N PRO B 274 16.11 -3.97 -30.25
CA PRO B 274 15.82 -2.88 -29.31
C PRO B 274 16.69 -1.66 -29.61
N PRO B 275 16.19 -0.43 -29.35
CA PRO B 275 16.85 0.78 -29.83
C PRO B 275 18.06 1.22 -28.99
N VAL B 276 18.98 0.28 -28.74
CA VAL B 276 20.23 0.56 -28.02
C VAL B 276 21.20 1.40 -28.83
N ARG B 277 21.09 1.37 -30.17
CA ARG B 277 21.90 2.23 -31.05
C ARG B 277 21.64 3.73 -30.84
N GLU B 278 20.46 4.05 -30.32
CA GLU B 278 20.10 5.43 -29.97
C GLU B 278 20.72 5.92 -28.65
N ILE B 279 21.42 5.04 -27.92
CA ILE B 279 22.20 5.45 -26.75
C ILE B 279 23.30 6.40 -27.22
N PRO B 280 23.43 7.59 -26.59
CA PRO B 280 24.47 8.52 -27.03
C PRO B 280 25.90 7.97 -26.86
N PRO B 281 26.81 8.34 -27.77
CA PRO B 281 28.20 7.89 -27.67
C PRO B 281 28.98 8.59 -26.55
N SER B 282 28.51 9.78 -26.13
CA SER B 282 29.11 10.51 -25.01
C SER B 282 28.92 9.87 -23.63
N CYS B 283 27.96 8.94 -23.51
CA CYS B 283 27.61 8.34 -22.21
C CYS B 283 28.71 7.45 -21.64
N ALA B 284 28.72 7.35 -20.31
CA ALA B 284 29.66 6.48 -19.59
C ALA B 284 29.28 5.01 -19.82
N PRO B 285 30.25 4.08 -19.66
CA PRO B 285 30.00 2.65 -19.90
C PRO B 285 28.83 2.05 -19.10
N LEU B 286 28.74 2.41 -17.82
CA LEU B 286 27.68 1.90 -16.94
C LEU B 286 26.29 2.44 -17.31
N THR B 287 26.23 3.72 -17.68
CA THR B 287 25.01 4.34 -18.22
C THR B 287 24.53 3.61 -19.48
N ALA B 288 25.47 3.29 -20.37
CA ALA B 288 25.16 2.55 -21.60
C ALA B 288 24.75 1.11 -21.31
N GLN B 289 25.45 0.47 -20.36
CA GLN B 289 25.07 -0.87 -19.88
C GLN B 289 23.67 -0.89 -19.26
N ALA B 290 23.39 0.10 -18.41
CA ALA B 290 22.10 0.24 -17.74
C ALA B 290 20.93 0.28 -18.73
N ILE B 291 21.08 1.10 -19.77
CA ILE B 291 20.06 1.23 -20.81
C ILE B 291 19.92 -0.06 -21.62
N GLN B 292 21.04 -0.72 -21.92
CA GLN B 292 21.04 -2.00 -22.64
C GLN B 292 20.40 -3.13 -21.84
N GLU B 293 20.69 -3.19 -20.55
CA GLU B 293 20.12 -4.20 -19.64
C GLU B 293 18.59 -4.09 -19.50
N GLY B 294 18.08 -2.87 -19.52
CA GLY B 294 16.64 -2.60 -19.44
C GLY B 294 15.89 -2.62 -20.77
N LEU B 295 16.62 -2.57 -21.89
CA LEU B 295 16.01 -2.67 -23.23
C LEU B 295 16.23 -4.06 -23.85
N ARG B 296 16.09 -5.10 -23.03
CA ARG B 296 16.11 -6.49 -23.53
C ARG B 296 14.71 -6.81 -24.03
N LYS B 297 14.63 -7.42 -25.21
CA LYS B 297 13.33 -7.85 -25.77
C LYS B 297 12.61 -8.86 -24.90
N GLU B 298 13.34 -9.89 -24.49
CA GLU B 298 12.79 -10.93 -23.62
C GLU B 298 12.71 -10.38 -22.18
N PRO B 299 11.48 -10.27 -21.61
CA PRO B 299 11.36 -9.70 -20.25
C PRO B 299 11.98 -10.53 -19.11
N ILE B 300 12.20 -11.83 -19.34
CA ILE B 300 12.87 -12.68 -18.34
C ILE B 300 14.35 -12.27 -18.16
N HIS B 301 15.02 -11.94 -19.27
CA HIS B 301 16.40 -11.45 -19.24
C HIS B 301 16.52 -9.99 -18.90
N ARG B 302 15.42 -9.24 -18.98
CA ARG B 302 15.43 -7.82 -18.64
C ARG B 302 15.48 -7.63 -17.13
N VAL B 303 16.24 -6.63 -16.69
CA VAL B 303 16.41 -6.37 -15.26
C VAL B 303 15.14 -5.75 -14.65
N SER B 304 14.96 -5.98 -13.36
CA SER B 304 13.85 -5.39 -12.61
C SER B 304 14.13 -3.92 -12.29
N ALA B 305 13.12 -3.24 -11.75
CA ALA B 305 13.26 -1.84 -11.33
C ALA B 305 14.27 -1.67 -10.21
N ALA B 306 14.26 -2.59 -9.25
CA ALA B 306 15.25 -2.60 -8.15
C ALA B 306 16.68 -2.86 -8.64
N GLU B 307 16.84 -3.80 -9.58
CA GLU B 307 18.14 -4.08 -10.19
C GLU B 307 18.65 -2.91 -11.02
N LEU B 308 17.78 -2.35 -11.87
CA LEU B 308 18.13 -1.21 -12.72
C LEU B 308 18.43 0.05 -11.91
N GLY B 309 17.71 0.24 -10.81
CA GLY B 309 17.92 1.35 -9.89
C GLY B 309 19.33 1.41 -9.32
N GLY B 310 19.85 0.24 -8.94
CA GLY B 310 21.22 0.12 -8.44
C GLY B 310 22.28 0.50 -9.47
N LYS B 311 22.09 0.03 -10.70
CA LYS B 311 23.00 0.36 -11.81
C LYS B 311 23.00 1.85 -12.14
N VAL B 312 21.82 2.47 -12.12
CA VAL B 312 21.66 3.90 -12.38
C VAL B 312 22.29 4.77 -11.28
N ASN B 313 22.11 4.38 -10.01
CA ASN B 313 22.75 5.05 -8.88
C ASN B 313 24.28 4.92 -8.94
N ARG B 314 24.75 3.73 -9.28
CA ARG B 314 26.20 3.47 -9.45
C ARG B 314 26.77 4.21 -10.67
N ALA B 315 26.01 4.25 -11.76
CA ALA B 315 26.39 5.05 -12.95
C ALA B 315 26.42 6.56 -12.66
N LEU B 316 25.54 7.03 -11.78
CA LEU B 316 25.56 8.42 -11.33
C LEU B 316 26.79 8.73 -10.47
N GLN B 317 27.22 7.75 -9.66
CA GLN B 317 28.46 7.87 -8.87
C GLN B 317 29.71 7.95 -9.75
N GLN B 318 29.76 7.11 -10.79
CA GLN B 318 30.91 7.05 -11.71
C GLN B 318 31.13 8.36 -12.47
N VAL B 319 30.04 8.96 -12.94
CA VAL B 319 30.09 10.25 -13.65
C VAL B 319 30.38 11.44 -12.71
N GLY B 320 30.25 11.22 -11.39
CA GLY B 320 30.65 12.18 -10.37
C GLY B 320 29.50 12.90 -9.66
N GLY B 321 28.36 12.23 -9.53
CA GLY B 321 27.18 12.79 -8.87
C GLY B 321 26.49 13.90 -9.66
N LEU B 322 25.49 14.51 -9.01
CA LEU B 322 24.71 15.59 -9.61
C LEU B 322 25.44 16.92 -9.46
N LYS B 323 26.10 17.35 -10.54
CA LYS B 323 26.83 18.63 -10.60
C LYS B 323 26.17 19.67 -11.50
N SER B 324 25.49 19.22 -12.57
CA SER B 324 24.89 20.13 -13.55
C SER B 324 23.80 21.03 -12.94
N PRO B 325 23.69 22.28 -13.43
CA PRO B 325 22.77 23.24 -12.81
C PRO B 325 21.30 22.98 -13.12
N TRP B 326 20.43 23.46 -12.24
CA TRP B 326 18.97 23.34 -12.40
C TRP B 326 18.49 24.31 -13.43
N ARG B 327 17.92 23.78 -14.53
CA ARG B 327 17.59 24.56 -15.73
C ARG B 327 18.81 25.31 -16.28
N GLY B 328 19.75 24.54 -16.83
CA GLY B 328 21.00 25.10 -17.37
C GLY B 328 20.82 25.73 -18.74
N GLU B 329 21.90 25.70 -19.53
CA GLU B 329 21.87 26.21 -20.90
C GLU B 329 21.15 25.24 -21.84
N TYR B 330 20.63 25.77 -22.94
CA TYR B 330 19.92 24.96 -23.92
C TYR B 330 20.88 24.04 -24.68
N LYS B 331 20.88 22.76 -24.32
CA LYS B 331 21.64 21.74 -25.04
C LYS B 331 20.90 21.38 -26.32
N GLU B 332 21.65 21.24 -27.42
CA GLU B 332 21.06 20.99 -28.74
C GLU B 332 20.52 19.55 -28.82
N PRO B 333 19.24 19.36 -29.23
CA PRO B 333 18.73 18.01 -29.50
C PRO B 333 19.37 17.34 -30.73
N ARG B 334 19.19 16.02 -30.82
CA ARG B 334 19.75 15.24 -31.93
C ARG B 334 18.93 15.47 -33.21
N HIS B 335 19.61 15.38 -34.36
CA HIS B 335 19.00 15.51 -35.69
C HIS B 335 19.13 14.22 -36.44
#